data_2IX7
#
_entry.id   2IX7
#
_cell.length_a   112.000
_cell.length_b   112.000
_cell.length_c   102.340
_cell.angle_alpha   90.00
_cell.angle_beta   90.00
_cell.angle_gamma   120.00
#
_symmetry.space_group_name_H-M   'P 32 2 1'
#
loop_
_entity.id
_entity.type
_entity.pdbx_description
1 polymer CALMODULIN
2 polymer MYOSIN-5A
3 non-polymer 'SULFATE ION'
4 non-polymer CYSTEINE
5 water water
#
loop_
_entity_poly.entity_id
_entity_poly.type
_entity_poly.pdbx_seq_one_letter_code
_entity_poly.pdbx_strand_id
1 'polypeptide(L)'
;DQLTEEQIAEFKEAFSLFDKDGDGTITTKELGTVMRSLGQNPTEAELQDMINEVDADGNGTIDFPEFLTMMARKMKDTDS
EEEIREAFRVFDKDGNGYISAAELRHVMTNLGEKLTDEEVDEMIREADIDGDGQVNYEEFVQMMT
;
A,B
2 'polypeptide(L)' ADKLRAACIRIQKTIRGWLLRKRYLCMQRAAITVQRYVRGYQARCYAKFLRRTKAATT C
#
# COMPACT_ATOMS: atom_id res chain seq x y z
N ASP A 1 -17.53 -20.90 7.59
CA ASP A 1 -16.78 -20.51 6.36
C ASP A 1 -15.28 -20.32 6.63
N GLN A 2 -14.62 -19.50 5.82
CA GLN A 2 -13.18 -19.27 5.98
C GLN A 2 -12.70 -18.18 5.05
N LEU A 3 -11.43 -17.82 5.18
CA LEU A 3 -10.81 -16.78 4.36
C LEU A 3 -10.84 -17.02 2.85
N THR A 4 -11.18 -15.99 2.11
CA THR A 4 -11.17 -16.10 0.66
C THR A 4 -9.73 -15.96 0.13
N GLU A 5 -9.61 -16.31 -1.14
CA GLU A 5 -8.37 -16.26 -1.85
C GLU A 5 -7.89 -14.80 -1.81
N GLU A 6 -8.85 -13.89 -1.96
CA GLU A 6 -8.59 -12.46 -1.95
C GLU A 6 -8.14 -12.00 -0.55
N GLN A 7 -8.80 -12.49 0.47
CA GLN A 7 -8.39 -12.09 1.81
C GLN A 7 -7.03 -12.66 2.12
N ILE A 8 -6.75 -13.87 1.64
CA ILE A 8 -5.47 -14.50 1.89
C ILE A 8 -4.38 -13.65 1.26
N ALA A 9 -4.62 -13.19 0.03
CA ALA A 9 -3.66 -12.36 -0.66
C ALA A 9 -3.42 -11.08 0.13
N GLU A 10 -4.50 -10.43 0.56
CA GLU A 10 -4.38 -9.20 1.33
C GLU A 10 -3.52 -9.38 2.57
N PHE A 11 -3.77 -10.44 3.33
CA PHE A 11 -3.01 -10.66 4.57
C PHE A 11 -1.58 -11.07 4.34
N LYS A 12 -1.32 -11.78 3.23
CA LYS A 12 0.06 -12.18 2.97
C LYS A 12 0.85 -10.93 2.65
N GLU A 13 0.23 -10.01 1.93
CA GLU A 13 0.90 -8.77 1.54
C GLU A 13 1.42 -8.05 2.78
N ALA A 14 0.51 -7.78 3.71
CA ALA A 14 0.88 -7.08 4.95
C ALA A 14 1.83 -7.91 5.81
N PHE A 15 1.53 -9.20 5.95
CA PHE A 15 2.38 -10.07 6.74
C PHE A 15 3.81 -10.05 6.19
N SER A 16 3.93 -10.11 4.85
CA SER A 16 5.25 -10.14 4.25
C SER A 16 5.98 -8.82 4.41
N LEU A 17 5.23 -7.75 4.66
CA LEU A 17 5.85 -6.45 4.83
C LEU A 17 6.64 -6.44 6.13
N PHE A 18 6.06 -7.07 7.16
CA PHE A 18 6.71 -7.12 8.46
C PHE A 18 7.61 -8.33 8.64
N ASP A 19 7.53 -9.30 7.72
CA ASP A 19 8.38 -10.49 7.76
C ASP A 19 9.72 -10.01 7.24
N LYS A 20 10.53 -9.41 8.11
CA LYS A 20 11.83 -8.85 7.72
C LYS A 20 12.73 -9.60 6.72
N ASP A 21 12.71 -10.93 6.75
CA ASP A 21 13.56 -11.66 5.82
C ASP A 21 12.87 -12.72 4.98
N GLY A 22 11.54 -12.67 4.91
CA GLY A 22 10.81 -13.62 4.10
C GLY A 22 10.84 -15.06 4.58
N ASP A 23 11.30 -15.27 5.81
CA ASP A 23 11.41 -16.60 6.38
C ASP A 23 10.06 -17.20 6.78
N GLY A 24 8.99 -16.42 6.65
CA GLY A 24 7.68 -16.95 7.00
C GLY A 24 7.18 -16.60 8.39
N THR A 25 7.87 -15.69 9.06
CA THR A 25 7.45 -15.29 10.40
C THR A 25 7.56 -13.81 10.69
N ILE A 26 6.82 -13.40 11.71
CA ILE A 26 6.80 -12.04 12.21
C ILE A 26 6.98 -12.26 13.71
N THR A 27 7.57 -11.29 14.41
CA THR A 27 7.76 -11.43 15.84
C THR A 27 6.41 -11.37 16.55
N THR A 28 6.28 -12.04 17.70
CA THR A 28 5.02 -12.01 18.43
C THR A 28 4.75 -10.57 18.84
N LYS A 29 5.83 -9.81 19.04
CA LYS A 29 5.75 -8.42 19.45
C LYS A 29 5.00 -7.55 18.44
N GLU A 30 5.16 -7.84 17.15
CA GLU A 30 4.46 -7.06 16.15
C GLU A 30 3.21 -7.70 15.57
N LEU A 31 2.65 -8.67 16.28
CA LEU A 31 1.41 -9.30 15.82
C LEU A 31 0.30 -8.25 15.77
N GLY A 32 0.29 -7.37 16.76
CA GLY A 32 -0.73 -6.32 16.82
C GLY A 32 -0.65 -5.36 15.65
N THR A 33 0.56 -4.94 15.32
CA THR A 33 0.76 -4.02 14.21
C THR A 33 0.18 -4.59 12.92
N VAL A 34 0.52 -5.84 12.62
CA VAL A 34 0.03 -6.44 11.40
C VAL A 34 -1.46 -6.56 11.40
N MET A 35 -2.03 -7.07 12.48
CA MET A 35 -3.49 -7.21 12.52
C MET A 35 -4.15 -5.85 12.34
N ARG A 36 -3.57 -4.83 12.99
CA ARG A 36 -4.12 -3.50 12.90
C ARG A 36 -3.98 -2.94 11.50
N SER A 37 -2.80 -3.11 10.92
CA SER A 37 -2.57 -2.64 9.56
C SER A 37 -3.61 -3.23 8.60
N LEU A 38 -4.08 -4.44 8.88
CA LEU A 38 -5.07 -5.08 8.03
C LEU A 38 -6.51 -4.74 8.37
N GLY A 39 -6.72 -3.92 9.40
CA GLY A 39 -8.09 -3.53 9.72
C GLY A 39 -8.79 -4.18 10.89
N GLN A 40 -8.10 -4.98 11.67
CA GLN A 40 -8.69 -5.63 12.82
C GLN A 40 -8.26 -4.84 14.04
N ASN A 41 -9.17 -4.68 15.00
CA ASN A 41 -8.92 -3.91 16.22
C ASN A 41 -8.89 -4.73 17.50
N PRO A 42 -7.81 -5.49 17.71
CA PRO A 42 -7.72 -6.31 18.93
C PRO A 42 -7.15 -5.52 20.11
N THR A 43 -7.51 -5.94 21.32
CA THR A 43 -7.02 -5.30 22.55
C THR A 43 -5.64 -5.85 22.86
N GLU A 44 -4.90 -5.18 23.74
CA GLU A 44 -3.58 -5.66 24.11
C GLU A 44 -3.74 -6.98 24.86
N ALA A 45 -4.89 -7.18 25.49
CA ALA A 45 -5.14 -8.42 26.22
C ALA A 45 -5.29 -9.58 25.24
N GLU A 46 -6.13 -9.39 24.23
CA GLU A 46 -6.35 -10.42 23.23
C GLU A 46 -5.03 -10.76 22.56
N LEU A 47 -4.24 -9.73 22.25
CA LEU A 47 -2.97 -9.99 21.59
C LEU A 47 -2.18 -10.99 22.42
N GLN A 48 -2.03 -10.67 23.70
CA GLN A 48 -1.30 -11.49 24.66
C GLN A 48 -1.90 -12.90 24.77
N ASP A 49 -3.21 -13.03 24.60
CA ASP A 49 -3.87 -14.33 24.64
C ASP A 49 -3.45 -15.13 23.42
N MET A 50 -3.61 -14.53 22.24
CA MET A 50 -3.24 -15.15 20.97
C MET A 50 -1.79 -15.59 21.03
N ILE A 51 -0.91 -14.67 21.43
CA ILE A 51 0.49 -15.00 21.53
C ILE A 51 0.66 -16.25 22.38
N ASN A 52 0.17 -16.19 23.62
CA ASN A 52 0.26 -17.33 24.53
C ASN A 52 -0.17 -18.64 23.89
N GLU A 53 -1.30 -18.63 23.18
CA GLU A 53 -1.82 -19.83 22.55
C GLU A 53 -1.02 -20.23 21.32
N VAL A 54 0.25 -19.83 21.26
CA VAL A 54 1.11 -20.15 20.11
C VAL A 54 2.59 -20.05 20.46
N ASP A 55 2.90 -19.27 21.48
CA ASP A 55 4.30 -19.10 21.85
C ASP A 55 4.68 -19.77 23.17
N ALA A 56 4.23 -21.01 23.36
CA ALA A 56 4.57 -21.76 24.58
C ALA A 56 6.09 -21.92 24.55
N ASP A 57 6.57 -22.28 23.35
CA ASP A 57 7.98 -22.48 23.06
C ASP A 57 8.86 -21.32 23.51
N GLY A 58 8.32 -20.10 23.42
CA GLY A 58 9.05 -18.92 23.83
C GLY A 58 9.92 -18.34 22.73
N ASN A 59 9.84 -18.91 21.53
CA ASN A 59 10.65 -18.44 20.39
C ASN A 59 10.27 -17.02 20.03
N GLY A 60 9.01 -16.67 20.29
CA GLY A 60 8.52 -15.33 20.03
C GLY A 60 8.31 -14.97 18.57
N THR A 61 7.76 -15.89 17.80
CA THR A 61 7.49 -15.64 16.38
C THR A 61 6.16 -16.28 16.04
N ILE A 62 5.61 -15.90 14.90
CA ILE A 62 4.33 -16.44 14.46
C ILE A 62 4.46 -16.72 12.97
N ASP A 63 3.98 -17.87 12.52
CA ASP A 63 4.06 -18.18 11.10
C ASP A 63 2.76 -17.85 10.40
N PHE A 64 2.81 -17.82 9.08
CA PHE A 64 1.65 -17.44 8.29
C PHE A 64 0.40 -18.26 8.56
N PRO A 65 0.52 -19.59 8.64
CA PRO A 65 -0.67 -20.39 8.90
C PRO A 65 -1.35 -19.99 10.22
N GLU A 66 -0.59 -19.88 11.30
CA GLU A 66 -1.23 -19.49 12.55
C GLU A 66 -1.76 -18.07 12.46
N PHE A 67 -1.01 -17.19 11.80
CA PHE A 67 -1.46 -15.81 11.62
C PHE A 67 -2.81 -15.80 10.90
N LEU A 68 -2.96 -16.63 9.88
CA LEU A 68 -4.24 -16.66 9.17
C LEU A 68 -5.36 -17.16 10.08
N THR A 69 -5.03 -18.06 11.01
CA THR A 69 -6.03 -18.58 11.93
C THR A 69 -6.46 -17.46 12.89
N MET A 70 -5.48 -16.76 13.46
CA MET A 70 -5.78 -15.68 14.39
C MET A 70 -6.67 -14.65 13.72
N MET A 71 -6.33 -14.31 12.48
CA MET A 71 -7.11 -13.35 11.73
C MET A 71 -8.54 -13.81 11.52
N ALA A 72 -8.74 -15.05 11.10
CA ALA A 72 -10.09 -15.55 10.86
C ALA A 72 -10.88 -15.58 12.16
N ARG A 73 -10.19 -15.98 13.23
CA ARG A 73 -10.79 -16.07 14.55
C ARG A 73 -11.24 -14.66 14.96
N LYS A 74 -10.29 -13.76 15.11
CA LYS A 74 -10.60 -12.40 15.52
C LYS A 74 -11.70 -11.77 14.64
N MET A 75 -11.69 -12.07 13.35
CA MET A 75 -12.69 -11.51 12.45
C MET A 75 -14.12 -11.87 12.82
N LYS A 76 -14.31 -13.05 13.41
CA LYS A 76 -15.64 -13.49 13.77
C LYS A 76 -16.24 -12.57 14.83
N ASP A 77 -15.39 -12.09 15.74
CA ASP A 77 -15.80 -11.22 16.82
C ASP A 77 -15.40 -9.75 16.59
N THR A 78 -16.23 -9.02 15.85
CA THR A 78 -15.97 -7.62 15.53
C THR A 78 -17.05 -6.64 16.00
N ASP A 79 -16.66 -5.59 16.74
CA ASP A 79 -17.62 -4.61 17.26
C ASP A 79 -18.23 -3.75 16.17
N SER A 80 -19.50 -3.39 16.36
CA SER A 80 -20.22 -2.56 15.40
C SER A 80 -19.93 -1.10 15.65
N GLU A 81 -20.47 -0.23 14.80
CA GLU A 81 -20.26 1.19 14.96
C GLU A 81 -21.01 1.71 16.17
N GLU A 82 -22.18 1.14 16.45
CA GLU A 82 -22.93 1.59 17.61
C GLU A 82 -22.23 1.20 18.89
N GLU A 83 -21.69 -0.01 18.95
CA GLU A 83 -20.98 -0.46 20.14
C GLU A 83 -19.86 0.50 20.48
N ILE A 84 -19.21 1.04 19.47
CA ILE A 84 -18.13 1.98 19.72
C ILE A 84 -18.76 3.29 20.19
N ARG A 85 -19.83 3.71 19.54
CA ARG A 85 -20.50 4.94 19.94
C ARG A 85 -20.89 4.86 21.41
N GLU A 86 -21.50 3.74 21.78
CA GLU A 86 -21.93 3.56 23.16
C GLU A 86 -20.76 3.77 24.10
N ALA A 87 -19.60 3.23 23.74
CA ALA A 87 -18.44 3.37 24.59
C ALA A 87 -18.18 4.87 24.81
N PHE A 88 -18.41 5.65 23.77
CA PHE A 88 -18.18 7.09 23.84
C PHE A 88 -19.17 7.79 24.76
N ARG A 89 -20.44 7.41 24.69
CA ARG A 89 -21.44 8.08 25.50
C ARG A 89 -21.31 7.86 27.01
N VAL A 90 -20.58 6.85 27.46
CA VAL A 90 -20.46 6.74 28.92
C VAL A 90 -19.63 7.95 29.33
N PHE A 91 -18.85 8.47 28.40
CA PHE A 91 -18.03 9.65 28.68
C PHE A 91 -18.75 10.87 28.14
N ASP A 92 -19.98 10.65 27.68
CA ASP A 92 -20.80 11.73 27.14
C ASP A 92 -21.93 12.07 28.13
N LYS A 93 -21.53 12.82 29.15
CA LYS A 93 -22.39 13.30 30.23
C LYS A 93 -23.86 13.40 29.79
N ASP A 94 -24.17 14.44 29.02
CA ASP A 94 -25.47 14.65 28.46
C ASP A 94 -25.54 14.09 27.05
N GLY A 95 -26.51 13.25 26.78
CA GLY A 95 -26.61 12.63 25.47
C GLY A 95 -26.68 13.57 24.29
N ASN A 96 -25.64 14.35 24.07
CA ASN A 96 -25.63 15.27 22.94
C ASN A 96 -24.90 14.66 21.73
N GLY A 97 -23.99 13.72 22.01
CA GLY A 97 -23.25 13.06 20.95
C GLY A 97 -21.86 13.65 20.73
N TYR A 98 -21.38 14.41 21.70
CA TYR A 98 -20.07 15.02 21.59
C TYR A 98 -19.24 14.72 22.83
N ILE A 99 -17.97 15.09 22.78
CA ILE A 99 -17.07 14.87 23.91
C ILE A 99 -15.89 15.80 23.79
N SER A 100 -15.59 16.48 24.87
CA SER A 100 -14.46 17.40 24.86
C SER A 100 -13.23 16.68 24.31
N ALA A 101 -12.47 17.37 23.48
CA ALA A 101 -11.24 16.81 22.94
C ALA A 101 -10.27 16.68 24.10
N ALA A 102 -10.45 17.53 25.10
CA ALA A 102 -9.59 17.52 26.28
C ALA A 102 -9.90 16.32 27.18
N GLU A 103 -11.18 15.99 27.28
CA GLU A 103 -11.60 14.86 28.10
C GLU A 103 -11.11 13.56 27.47
N LEU A 104 -11.29 13.47 26.15
CA LEU A 104 -10.89 12.32 25.37
C LEU A 104 -9.44 11.98 25.62
N ARG A 105 -8.60 12.99 25.46
CA ARG A 105 -7.17 12.79 25.66
C ARG A 105 -6.88 12.30 27.06
N HIS A 106 -7.61 12.82 28.03
CA HIS A 106 -7.37 12.40 29.41
C HIS A 106 -7.68 10.92 29.65
N VAL A 107 -8.80 10.47 29.11
CA VAL A 107 -9.17 9.08 29.28
C VAL A 107 -8.19 8.18 28.52
N MET A 108 -7.91 8.51 27.26
CA MET A 108 -7.00 7.71 26.44
C MET A 108 -5.66 7.47 27.10
N THR A 109 -5.13 8.46 27.80
CA THR A 109 -3.83 8.31 28.43
C THR A 109 -3.83 7.91 29.90
N ASN A 110 -5.00 7.87 30.52
CA ASN A 110 -5.06 7.52 31.94
C ASN A 110 -5.78 6.24 32.31
N LEU A 111 -6.77 5.85 31.50
CA LEU A 111 -7.52 4.63 31.78
C LEU A 111 -7.21 3.52 30.77
N GLY A 112 -7.75 2.34 31.03
CA GLY A 112 -7.57 1.18 30.16
C GLY A 112 -6.17 0.87 29.71
N GLU A 113 -6.00 0.63 28.42
CA GLU A 113 -4.70 0.31 27.85
C GLU A 113 -4.07 1.63 27.41
N LYS A 114 -3.69 2.41 28.41
CA LYS A 114 -3.11 3.74 28.24
C LYS A 114 -2.37 4.00 26.93
N LEU A 115 -2.87 4.96 26.16
CA LEU A 115 -2.23 5.36 24.91
C LEU A 115 -1.05 6.27 25.27
N THR A 116 -0.13 6.43 24.33
CA THR A 116 1.03 7.28 24.56
C THR A 116 0.61 8.68 24.17
N ASP A 117 1.39 9.66 24.61
CA ASP A 117 1.10 11.06 24.29
C ASP A 117 1.24 11.17 22.77
N GLU A 118 2.23 10.46 22.26
CA GLU A 118 2.51 10.43 20.83
C GLU A 118 1.28 9.91 20.08
N GLU A 119 0.67 8.84 20.59
CA GLU A 119 -0.50 8.26 19.94
C GLU A 119 -1.72 9.17 20.03
N VAL A 120 -1.87 9.88 21.14
CA VAL A 120 -3.01 10.77 21.28
C VAL A 120 -2.83 11.96 20.37
N ASP A 121 -1.59 12.45 20.31
CA ASP A 121 -1.27 13.59 19.45
C ASP A 121 -1.56 13.20 18.01
N GLU A 122 -1.06 12.04 17.62
CA GLU A 122 -1.26 11.53 16.27
C GLU A 122 -2.75 11.43 15.95
N MET A 123 -3.51 10.90 16.91
CA MET A 123 -4.94 10.77 16.73
C MET A 123 -5.60 12.10 16.40
N ILE A 124 -5.28 13.11 17.22
CA ILE A 124 -5.85 14.44 17.03
C ILE A 124 -5.45 15.02 15.67
N ARG A 125 -4.19 14.79 15.30
CA ARG A 125 -3.67 15.26 14.03
C ARG A 125 -4.41 14.61 12.86
N GLU A 126 -4.27 13.28 12.76
CA GLU A 126 -4.90 12.51 11.70
C GLU A 126 -6.43 12.62 11.63
N ALA A 127 -7.05 13.10 12.70
CA ALA A 127 -8.50 13.24 12.73
C ALA A 127 -8.90 14.71 12.55
N ASP A 128 -7.89 15.57 12.46
CA ASP A 128 -8.11 17.01 12.29
C ASP A 128 -9.13 17.50 13.32
N ILE A 129 -8.89 17.12 14.57
CA ILE A 129 -9.76 17.50 15.67
C ILE A 129 -9.16 18.71 16.37
N ASP A 130 -10.02 19.65 16.77
CA ASP A 130 -9.56 20.84 17.45
C ASP A 130 -9.08 20.47 18.86
N GLY A 131 -7.78 20.63 19.10
CA GLY A 131 -7.21 20.32 20.39
C GLY A 131 -8.06 20.82 21.55
N ASP A 132 -8.69 21.97 21.37
CA ASP A 132 -9.53 22.57 22.40
C ASP A 132 -10.97 22.58 21.95
N GLY A 133 -11.39 21.56 21.21
CA GLY A 133 -12.75 21.52 20.72
C GLY A 133 -13.61 20.37 21.18
N GLN A 134 -14.68 20.12 20.43
CA GLN A 134 -15.61 19.04 20.71
C GLN A 134 -15.57 18.04 19.56
N VAL A 135 -15.49 16.76 19.90
CA VAL A 135 -15.45 15.71 18.89
C VAL A 135 -16.83 15.11 18.67
N ASN A 136 -17.34 15.18 17.45
CA ASN A 136 -18.63 14.58 17.14
C ASN A 136 -18.35 13.08 16.98
N TYR A 137 -18.11 12.42 18.11
CA TYR A 137 -17.76 11.00 18.11
C TYR A 137 -18.61 10.09 17.25
N GLU A 138 -19.82 10.50 16.90
CA GLU A 138 -20.63 9.64 16.03
C GLU A 138 -19.93 9.56 14.68
N GLU A 139 -19.44 10.72 14.22
CA GLU A 139 -18.75 10.82 12.95
C GLU A 139 -17.34 10.26 13.08
N PHE A 140 -16.67 10.57 14.19
CA PHE A 140 -15.33 10.10 14.44
C PHE A 140 -15.29 8.57 14.31
N VAL A 141 -16.35 7.91 14.78
CA VAL A 141 -16.43 6.46 14.69
C VAL A 141 -16.62 6.06 13.23
N GLN A 142 -17.43 6.84 12.51
CA GLN A 142 -17.66 6.57 11.11
C GLN A 142 -16.34 6.73 10.36
N MET A 143 -15.60 7.77 10.70
CA MET A 143 -14.31 8.03 10.06
C MET A 143 -13.33 6.88 10.25
N MET A 144 -13.36 6.26 11.43
CA MET A 144 -12.46 5.15 11.73
C MET A 144 -12.98 3.81 11.22
N THR A 145 -14.08 3.83 10.49
CA THR A 145 -14.66 2.59 9.97
C THR A 145 -14.56 2.51 8.44
N ASP B 1 -13.35 12.68 -30.48
CA ASP B 1 -11.86 12.82 -30.40
C ASP B 1 -11.17 11.48 -30.67
N GLN B 2 -10.00 11.55 -31.29
CA GLN B 2 -9.26 10.35 -31.62
C GLN B 2 -7.79 10.64 -31.92
N LEU B 3 -7.03 9.58 -32.15
CA LEU B 3 -5.62 9.68 -32.44
C LEU B 3 -5.38 10.35 -33.81
N THR B 4 -4.49 11.33 -33.84
CA THR B 4 -4.12 12.04 -35.07
C THR B 4 -3.15 11.17 -35.88
N GLU B 5 -2.90 11.58 -37.11
CA GLU B 5 -1.97 10.85 -37.99
C GLU B 5 -0.61 10.75 -37.29
N GLU B 6 -0.14 11.84 -36.70
CA GLU B 6 1.14 11.81 -36.00
C GLU B 6 1.17 10.78 -34.87
N GLN B 7 0.13 10.78 -34.04
CA GLN B 7 0.07 9.82 -32.94
C GLN B 7 0.05 8.41 -33.45
N ILE B 8 -0.79 8.16 -34.46
CA ILE B 8 -0.88 6.84 -35.05
C ILE B 8 0.51 6.40 -35.52
N ALA B 9 1.24 7.31 -36.15
CA ALA B 9 2.56 6.96 -36.67
C ALA B 9 3.52 6.69 -35.50
N GLU B 10 3.42 7.50 -34.46
CA GLU B 10 4.28 7.31 -33.29
C GLU B 10 3.97 5.94 -32.63
N PHE B 11 2.69 5.67 -32.43
CA PHE B 11 2.28 4.42 -31.81
C PHE B 11 2.63 3.19 -32.64
N LYS B 12 2.49 3.29 -33.96
CA LYS B 12 2.80 2.15 -34.79
C LYS B 12 4.27 1.84 -34.66
N GLU B 13 5.06 2.90 -34.65
CA GLU B 13 6.49 2.74 -34.57
C GLU B 13 6.85 2.04 -33.26
N ALA B 14 6.26 2.49 -32.15
CA ALA B 14 6.55 1.88 -30.85
C ALA B 14 6.08 0.43 -30.82
N PHE B 15 4.84 0.21 -31.21
CA PHE B 15 4.28 -1.12 -31.22
C PHE B 15 5.14 -2.05 -32.08
N SER B 16 5.51 -1.59 -33.27
CA SER B 16 6.31 -2.41 -34.17
C SER B 16 7.63 -2.90 -33.59
N LEU B 17 8.24 -2.11 -32.70
CA LEU B 17 9.52 -2.52 -32.09
C LEU B 17 9.36 -3.86 -31.35
N PHE B 18 8.16 -4.12 -30.83
CA PHE B 18 7.92 -5.36 -30.10
C PHE B 18 7.22 -6.44 -30.93
N ASP B 19 7.05 -6.20 -32.23
CA ASP B 19 6.38 -7.16 -33.12
C ASP B 19 7.48 -7.94 -33.81
N LYS B 20 7.85 -9.07 -33.22
CA LYS B 20 8.94 -9.91 -33.73
C LYS B 20 8.87 -10.28 -35.21
N ASP B 21 7.68 -10.63 -35.68
CA ASP B 21 7.50 -11.06 -37.06
C ASP B 21 6.97 -10.05 -38.06
N GLY B 22 6.53 -8.89 -37.58
CA GLY B 22 5.99 -7.92 -38.51
C GLY B 22 4.58 -8.37 -38.84
N ASP B 23 4.07 -9.31 -38.04
CA ASP B 23 2.74 -9.84 -38.27
C ASP B 23 1.60 -9.01 -37.69
N GLY B 24 1.94 -7.89 -37.06
CA GLY B 24 0.90 -7.03 -36.51
C GLY B 24 0.39 -7.35 -35.12
N THR B 25 1.19 -8.02 -34.29
CA THR B 25 0.78 -8.34 -32.93
C THR B 25 1.93 -8.24 -31.94
N ILE B 26 1.59 -8.04 -30.67
CA ILE B 26 2.57 -8.01 -29.59
C ILE B 26 1.99 -8.98 -28.57
N THR B 27 2.85 -9.72 -27.87
CA THR B 27 2.36 -10.67 -26.85
C THR B 27 1.64 -9.87 -25.79
N THR B 28 0.68 -10.51 -25.13
CA THR B 28 -0.09 -9.87 -24.07
C THR B 28 0.85 -9.46 -22.91
N LYS B 29 1.85 -10.29 -22.66
CA LYS B 29 2.81 -9.98 -21.61
C LYS B 29 3.57 -8.68 -21.85
N GLU B 30 3.66 -8.22 -23.11
CA GLU B 30 4.40 -7.00 -23.40
C GLU B 30 3.53 -5.77 -23.63
N LEU B 31 2.23 -5.89 -23.44
CA LEU B 31 1.35 -4.74 -23.63
C LEU B 31 1.80 -3.56 -22.76
N GLY B 32 2.12 -3.85 -21.50
CA GLY B 32 2.55 -2.80 -20.60
C GLY B 32 3.84 -2.14 -21.03
N THR B 33 4.84 -2.97 -21.36
CA THR B 33 6.11 -2.43 -21.84
C THR B 33 5.91 -1.48 -23.01
N VAL B 34 4.99 -1.82 -23.91
CA VAL B 34 4.73 -0.93 -25.06
C VAL B 34 4.05 0.39 -24.65
N MET B 35 3.01 0.34 -23.84
CA MET B 35 2.38 1.60 -23.43
C MET B 35 3.44 2.41 -22.69
N ARG B 36 4.24 1.74 -21.86
CA ARG B 36 5.27 2.45 -21.12
C ARG B 36 6.25 3.15 -22.06
N SER B 37 6.65 2.49 -23.15
CA SER B 37 7.58 3.15 -24.07
C SER B 37 6.95 4.41 -24.68
N LEU B 38 5.64 4.55 -24.57
CA LEU B 38 5.02 5.75 -25.11
C LEU B 38 4.84 6.84 -24.04
N GLY B 39 5.44 6.63 -22.88
CA GLY B 39 5.34 7.64 -21.85
C GLY B 39 4.37 7.39 -20.71
N GLN B 40 3.47 6.42 -20.86
CA GLN B 40 2.51 6.10 -19.82
C GLN B 40 3.17 5.32 -18.67
N ASN B 41 2.49 5.29 -17.53
CA ASN B 41 2.96 4.57 -16.36
C ASN B 41 1.74 3.88 -15.72
N PRO B 42 1.17 2.88 -16.41
CA PRO B 42 -0.02 2.12 -15.94
C PRO B 42 0.29 1.15 -14.82
N THR B 43 -0.68 0.88 -13.96
CA THR B 43 -0.47 -0.07 -12.87
C THR B 43 -0.73 -1.44 -13.46
N GLU B 44 -0.30 -2.48 -12.74
CA GLU B 44 -0.50 -3.84 -13.19
C GLU B 44 -1.96 -4.15 -13.27
N ALA B 45 -2.74 -3.60 -12.33
CA ALA B 45 -4.17 -3.84 -12.32
C ALA B 45 -4.85 -3.20 -13.52
N GLU B 46 -4.44 -1.99 -13.86
CA GLU B 46 -5.04 -1.32 -15.02
C GLU B 46 -4.77 -2.15 -16.27
N LEU B 47 -3.56 -2.67 -16.40
CA LEU B 47 -3.24 -3.47 -17.57
C LEU B 47 -4.12 -4.73 -17.65
N GLN B 48 -4.20 -5.45 -16.53
CA GLN B 48 -5.01 -6.66 -16.48
C GLN B 48 -6.45 -6.34 -16.86
N ASP B 49 -6.94 -5.17 -16.44
CA ASP B 49 -8.30 -4.79 -16.79
C ASP B 49 -8.41 -4.61 -18.28
N MET B 50 -7.47 -3.86 -18.86
CA MET B 50 -7.48 -3.64 -20.30
C MET B 50 -7.44 -4.98 -21.07
N ILE B 51 -6.59 -5.88 -20.61
CA ILE B 51 -6.44 -7.18 -21.25
C ILE B 51 -7.73 -7.99 -21.18
N ASN B 52 -8.37 -7.94 -20.02
CA ASN B 52 -9.60 -8.68 -19.83
C ASN B 52 -10.71 -8.10 -20.69
N GLU B 53 -10.70 -6.77 -20.85
CA GLU B 53 -11.70 -6.08 -21.62
C GLU B 53 -11.77 -6.65 -23.04
N VAL B 54 -10.62 -6.91 -23.65
CA VAL B 54 -10.63 -7.45 -25.01
C VAL B 54 -10.43 -8.97 -25.04
N ASP B 55 -10.80 -9.64 -23.94
CA ASP B 55 -10.69 -11.09 -23.82
C ASP B 55 -9.41 -11.73 -24.38
N ALA B 56 -8.26 -11.11 -24.11
CA ALA B 56 -7.01 -11.65 -24.59
C ALA B 56 -6.47 -12.76 -23.67
N ASP B 57 -5.62 -13.62 -24.21
CA ASP B 57 -5.03 -14.71 -23.45
C ASP B 57 -3.67 -14.26 -22.86
N GLY B 58 -3.48 -14.43 -21.55
CA GLY B 58 -2.25 -14.04 -20.89
C GLY B 58 -0.99 -14.58 -21.56
N ASN B 59 -1.12 -15.72 -22.21
CA ASN B 59 -0.01 -16.33 -22.96
C ASN B 59 -0.27 -16.04 -24.45
N GLY B 60 -1.26 -15.18 -24.71
CA GLY B 60 -1.64 -14.82 -26.07
C GLY B 60 -1.06 -13.54 -26.64
N THR B 61 -1.83 -12.90 -27.54
CA THR B 61 -1.38 -11.69 -28.25
C THR B 61 -2.44 -10.60 -28.38
N ILE B 62 -2.00 -9.41 -28.77
CA ILE B 62 -2.89 -8.27 -28.99
C ILE B 62 -2.53 -7.64 -30.35
N ASP B 63 -3.52 -7.09 -31.05
CA ASP B 63 -3.23 -6.53 -32.37
C ASP B 63 -3.24 -5.02 -32.39
N PHE B 64 -2.70 -4.47 -33.48
CA PHE B 64 -2.60 -3.03 -33.61
C PHE B 64 -3.91 -2.27 -33.48
N PRO B 65 -4.96 -2.72 -34.16
CA PRO B 65 -6.22 -2.00 -34.04
C PRO B 65 -6.72 -1.91 -32.58
N GLU B 66 -6.72 -3.03 -31.87
CA GLU B 66 -7.19 -2.98 -30.48
C GLU B 66 -6.21 -2.19 -29.63
N PHE B 67 -4.91 -2.32 -29.94
CA PHE B 67 -3.88 -1.56 -29.23
C PHE B 67 -4.16 -0.09 -29.39
N LEU B 68 -4.40 0.33 -30.62
CA LEU B 68 -4.71 1.73 -30.87
C LEU B 68 -5.95 2.14 -30.08
N THR B 69 -6.96 1.29 -30.08
CA THR B 69 -8.20 1.59 -29.37
C THR B 69 -7.92 1.73 -27.88
N MET B 70 -7.10 0.84 -27.34
CA MET B 70 -6.76 0.92 -25.92
C MET B 70 -6.06 2.24 -25.62
N MET B 71 -5.06 2.59 -26.42
CA MET B 71 -4.33 3.83 -26.22
C MET B 71 -5.21 5.07 -26.30
N ALA B 72 -6.20 5.05 -27.18
CA ALA B 72 -7.08 6.20 -27.32
C ALA B 72 -7.85 6.50 -26.04
N ARG B 73 -8.31 5.45 -25.37
CA ARG B 73 -9.06 5.64 -24.14
C ARG B 73 -8.15 5.62 -22.93
N LYS B 74 -7.57 4.45 -22.67
CA LYS B 74 -6.67 4.22 -21.54
C LYS B 74 -5.45 5.14 -21.41
N MET B 75 -5.02 5.79 -22.49
CA MET B 75 -3.87 6.67 -22.37
C MET B 75 -4.26 7.86 -21.51
N LYS B 76 -3.46 8.15 -20.49
CA LYS B 76 -3.71 9.25 -19.57
C LYS B 76 -2.54 10.24 -19.57
N ASP B 77 -2.69 11.32 -18.80
CA ASP B 77 -1.64 12.33 -18.71
C ASP B 77 -1.73 13.10 -17.40
N THR B 78 -1.89 12.36 -16.31
CA THR B 78 -2.01 12.96 -14.99
C THR B 78 -0.73 12.85 -14.16
N ASP B 79 0.24 12.07 -14.62
CA ASP B 79 1.49 11.91 -13.89
C ASP B 79 2.20 13.24 -13.71
N SER B 80 3.26 13.24 -12.91
CA SER B 80 4.07 14.42 -12.62
C SER B 80 5.16 14.03 -11.65
N GLU B 81 6.26 14.77 -11.62
CA GLU B 81 7.31 14.40 -10.70
C GLU B 81 6.90 14.64 -9.26
N GLU B 82 5.87 15.42 -9.05
CA GLU B 82 5.40 15.68 -7.71
C GLU B 82 4.87 14.42 -7.05
N GLU B 83 4.01 13.69 -7.76
CA GLU B 83 3.45 12.48 -7.16
C GLU B 83 4.45 11.38 -6.91
N ILE B 84 5.46 11.25 -7.76
CA ILE B 84 6.42 10.22 -7.51
C ILE B 84 7.27 10.65 -6.31
N ARG B 85 7.53 11.95 -6.18
CA ARG B 85 8.31 12.46 -5.06
C ARG B 85 7.54 12.29 -3.74
N GLU B 86 6.23 12.56 -3.74
CA GLU B 86 5.44 12.39 -2.53
C GLU B 86 5.36 10.92 -2.17
N ALA B 87 5.34 10.06 -3.18
CA ALA B 87 5.27 8.62 -2.93
C ALA B 87 6.51 8.20 -2.14
N PHE B 88 7.69 8.65 -2.57
CA PHE B 88 8.89 8.30 -1.85
C PHE B 88 8.88 8.93 -0.44
N ARG B 89 8.37 10.16 -0.33
CA ARG B 89 8.37 10.86 0.94
C ARG B 89 7.65 10.11 2.03
N VAL B 90 6.62 9.37 1.63
CA VAL B 90 5.84 8.56 2.55
C VAL B 90 6.77 7.62 3.36
N PHE B 91 7.95 7.33 2.81
CA PHE B 91 8.92 6.46 3.44
C PHE B 91 10.12 7.25 3.96
N ASP B 92 10.05 8.57 3.86
CA ASP B 92 11.14 9.42 4.31
C ASP B 92 10.89 9.71 5.80
N LYS B 93 11.53 8.94 6.68
CA LYS B 93 11.33 9.10 8.11
C LYS B 93 11.76 10.47 8.63
N ASP B 94 12.99 10.86 8.37
CA ASP B 94 13.50 12.15 8.85
C ASP B 94 13.06 13.35 8.03
N GLY B 95 12.46 13.11 6.87
CA GLY B 95 12.03 14.22 6.05
C GLY B 95 13.15 15.00 5.39
N ASN B 96 14.38 14.52 5.45
CA ASN B 96 15.47 15.23 4.82
C ASN B 96 15.74 14.89 3.37
N GLY B 97 14.80 14.16 2.76
CA GLY B 97 14.94 13.78 1.36
C GLY B 97 15.76 12.53 1.07
N TYR B 98 15.88 11.65 2.06
CA TYR B 98 16.63 10.39 1.91
C TYR B 98 15.76 9.23 2.35
N ILE B 99 16.15 8.03 1.95
CA ILE B 99 15.48 6.81 2.39
C ILE B 99 16.53 5.72 2.42
N SER B 100 16.26 4.71 3.22
CA SER B 100 17.14 3.56 3.34
C SER B 100 17.05 2.73 2.06
N ALA B 101 18.18 2.35 1.51
CA ALA B 101 18.19 1.53 0.30
C ALA B 101 17.58 0.16 0.60
N ALA B 102 17.87 -0.35 1.80
CA ALA B 102 17.35 -1.67 2.18
C ALA B 102 15.87 -1.65 2.50
N GLU B 103 15.37 -0.53 3.02
CA GLU B 103 13.94 -0.46 3.33
C GLU B 103 13.17 -0.35 2.02
N LEU B 104 13.70 0.43 1.09
CA LEU B 104 13.10 0.63 -0.22
C LEU B 104 13.00 -0.73 -0.91
N ARG B 105 14.09 -1.45 -0.89
CA ARG B 105 14.12 -2.77 -1.49
C ARG B 105 13.03 -3.69 -0.90
N HIS B 106 12.98 -3.77 0.43
CA HIS B 106 12.02 -4.61 1.12
C HIS B 106 10.58 -4.25 0.87
N VAL B 107 10.27 -2.95 0.90
CA VAL B 107 8.90 -2.50 0.66
C VAL B 107 8.51 -2.81 -0.81
N MET B 108 9.38 -2.44 -1.74
CA MET B 108 9.12 -2.64 -3.15
C MET B 108 8.91 -4.09 -3.57
N THR B 109 9.51 -5.04 -2.85
CA THR B 109 9.36 -6.44 -3.22
C THR B 109 8.34 -7.23 -2.40
N ASN B 110 7.59 -6.55 -1.54
CA ASN B 110 6.59 -7.22 -0.72
C ASN B 110 5.23 -6.54 -0.73
N LEU B 111 5.24 -5.22 -0.70
CA LEU B 111 4.00 -4.46 -0.67
C LEU B 111 3.51 -4.07 -2.05
N GLY B 112 2.21 -3.89 -2.20
CA GLY B 112 1.64 -3.46 -3.47
C GLY B 112 1.85 -4.39 -4.64
N GLU B 113 2.12 -3.81 -5.81
CA GLU B 113 2.32 -4.61 -7.01
C GLU B 113 3.81 -4.88 -7.06
N LYS B 114 4.25 -5.72 -6.13
CA LYS B 114 5.67 -6.00 -5.97
C LYS B 114 6.52 -6.28 -7.20
N LEU B 115 7.73 -5.74 -7.12
CA LEU B 115 8.73 -5.86 -8.14
C LEU B 115 9.55 -7.08 -7.80
N THR B 116 10.31 -7.56 -8.78
CA THR B 116 11.21 -8.68 -8.54
C THR B 116 12.50 -8.04 -8.02
N ASP B 117 13.34 -8.84 -7.39
CA ASP B 117 14.62 -8.32 -6.90
C ASP B 117 15.45 -7.70 -8.02
N GLU B 118 15.43 -8.34 -9.19
CA GLU B 118 16.19 -7.82 -10.31
C GLU B 118 15.74 -6.40 -10.64
N GLU B 119 14.44 -6.18 -10.71
CA GLU B 119 13.93 -4.85 -11.03
C GLU B 119 14.36 -3.80 -10.02
N VAL B 120 14.36 -4.17 -8.74
CA VAL B 120 14.76 -3.22 -7.69
C VAL B 120 16.28 -3.02 -7.72
N ASP B 121 17.02 -4.09 -7.97
CA ASP B 121 18.47 -3.99 -8.04
C ASP B 121 18.82 -3.06 -9.19
N GLU B 122 18.06 -3.14 -10.28
CA GLU B 122 18.30 -2.27 -11.43
C GLU B 122 18.06 -0.83 -10.97
N MET B 123 16.96 -0.60 -10.27
CA MET B 123 16.66 0.76 -9.80
C MET B 123 17.70 1.34 -8.83
N ILE B 124 18.05 0.58 -7.79
CA ILE B 124 19.02 1.02 -6.80
C ILE B 124 20.39 1.19 -7.43
N ARG B 125 20.74 0.26 -8.30
CA ARG B 125 22.04 0.29 -8.97
C ARG B 125 22.37 1.64 -9.62
N GLU B 126 21.36 2.32 -10.12
CA GLU B 126 21.58 3.61 -10.78
C GLU B 126 21.61 4.82 -9.84
N ALA B 127 21.58 4.56 -8.53
CA ALA B 127 21.63 5.64 -7.56
C ALA B 127 22.85 5.43 -6.67
N ASP B 128 23.27 6.49 -5.98
CA ASP B 128 24.43 6.37 -5.11
C ASP B 128 23.98 6.16 -3.68
N ILE B 129 24.44 5.07 -3.09
CA ILE B 129 24.10 4.79 -1.71
C ILE B 129 25.24 5.32 -0.87
N ASP B 130 24.92 6.05 0.19
CA ASP B 130 25.96 6.63 1.04
C ASP B 130 26.24 5.79 2.28
N GLY B 131 27.19 6.28 3.07
CA GLY B 131 27.60 5.61 4.30
C GLY B 131 26.52 5.01 5.16
N ASP B 132 25.45 5.75 5.44
CA ASP B 132 24.39 5.22 6.28
C ASP B 132 23.40 4.37 5.48
N GLY B 133 23.87 3.87 4.33
CA GLY B 133 23.04 3.03 3.47
C GLY B 133 21.80 3.72 2.92
N GLN B 134 21.87 5.03 2.76
CA GLN B 134 20.73 5.79 2.28
C GLN B 134 20.88 6.32 0.87
N VAL B 135 19.75 6.72 0.30
CA VAL B 135 19.73 7.23 -1.05
C VAL B 135 18.99 8.56 -1.17
N ASN B 136 19.53 9.48 -1.98
CA ASN B 136 18.87 10.76 -2.23
C ASN B 136 17.82 10.42 -3.27
N TYR B 137 16.57 10.23 -2.86
CA TYR B 137 15.58 9.81 -3.82
C TYR B 137 15.17 10.77 -4.92
N GLU B 138 15.68 12.00 -4.88
CA GLU B 138 15.36 12.94 -5.93
C GLU B 138 16.09 12.42 -7.17
N GLU B 139 17.02 11.49 -6.97
CA GLU B 139 17.75 10.88 -8.08
C GLU B 139 16.76 10.01 -8.86
N PHE B 140 15.91 9.29 -8.15
CA PHE B 140 14.91 8.44 -8.81
C PHE B 140 13.85 9.31 -9.46
N VAL B 141 13.34 10.30 -8.72
CA VAL B 141 12.35 11.21 -9.27
C VAL B 141 12.85 11.70 -10.62
N GLN B 142 14.09 12.18 -10.65
CA GLN B 142 14.64 12.68 -11.89
C GLN B 142 14.70 11.66 -13.02
N MET B 143 15.27 10.49 -12.76
CA MET B 143 15.37 9.49 -13.82
C MET B 143 14.08 8.76 -14.17
N MET B 144 13.06 8.87 -13.33
CA MET B 144 11.82 8.20 -13.63
C MET B 144 10.89 9.09 -14.43
N THR B 145 11.28 10.33 -14.61
CA THR B 145 10.45 11.23 -15.40
C THR B 145 11.22 11.91 -16.55
N ALA C 1 -11.16 -3.59 34.64
CA ALA C 1 -12.29 -4.47 35.04
C ALA C 1 -13.44 -3.66 35.61
N ASP C 2 -14.06 -2.85 34.75
CA ASP C 2 -15.19 -2.00 35.13
C ASP C 2 -15.63 -1.16 33.93
N LYS C 3 -16.88 -0.68 33.98
CA LYS C 3 -17.47 0.10 32.89
C LYS C 3 -16.66 1.26 32.31
N LEU C 4 -16.16 2.16 33.15
CA LEU C 4 -15.38 3.24 32.60
C LEU C 4 -14.19 2.63 31.86
N ARG C 5 -13.53 1.66 32.51
CA ARG C 5 -12.38 1.01 31.94
C ARG C 5 -12.65 0.31 30.61
N ALA C 6 -13.72 -0.48 30.56
CA ALA C 6 -14.09 -1.20 29.34
C ALA C 6 -14.41 -0.22 28.22
N ALA C 7 -15.25 0.76 28.53
CA ALA C 7 -15.64 1.74 27.52
C ALA C 7 -14.38 2.38 26.93
N CYS C 8 -13.48 2.80 27.81
CA CYS C 8 -12.23 3.42 27.38
C CYS C 8 -11.42 2.46 26.52
N ILE C 9 -11.34 1.20 26.93
CA ILE C 9 -10.56 0.21 26.19
C ILE C 9 -11.15 -0.04 24.81
N ARG C 10 -12.47 -0.05 24.71
CA ARG C 10 -13.09 -0.27 23.41
C ARG C 10 -12.70 0.89 22.49
N ILE C 11 -12.68 2.10 23.02
CA ILE C 11 -12.31 3.28 22.23
C ILE C 11 -10.83 3.22 21.84
N GLN C 12 -9.95 2.94 22.81
CA GLN C 12 -8.52 2.88 22.51
C GLN C 12 -8.13 1.84 21.44
N LYS C 13 -8.82 0.70 21.39
CA LYS C 13 -8.46 -0.32 20.40
C LYS C 13 -8.89 0.13 19.01
N THR C 14 -10.00 0.86 18.95
CA THR C 14 -10.50 1.35 17.68
C THR C 14 -9.58 2.42 17.13
N ILE C 15 -9.05 3.27 18.02
CA ILE C 15 -8.16 4.34 17.57
C ILE C 15 -6.82 3.77 17.14
N ARG C 16 -6.23 2.93 17.99
CA ARG C 16 -4.95 2.28 17.69
C ARG C 16 -5.02 1.61 16.32
N GLY C 17 -6.11 0.88 16.08
CA GLY C 17 -6.28 0.19 14.82
C GLY C 17 -6.32 1.16 13.66
N TRP C 18 -7.30 2.05 13.71
CA TRP C 18 -7.48 3.07 12.68
C TRP C 18 -6.19 3.79 12.30
N LEU C 19 -5.37 4.12 13.29
CA LEU C 19 -4.14 4.81 12.97
C LEU C 19 -3.22 3.95 12.12
N LEU C 20 -3.03 2.70 12.52
CA LEU C 20 -2.13 1.81 11.80
C LEU C 20 -2.66 1.44 10.42
N ARG C 21 -3.96 1.24 10.34
CA ARG C 21 -4.60 0.91 9.09
C ARG C 21 -4.32 2.07 8.14
N LYS C 22 -4.66 3.29 8.58
CA LYS C 22 -4.45 4.47 7.76
C LYS C 22 -3.02 4.56 7.24
N ARG C 23 -2.05 4.32 8.12
CA ARG C 23 -0.66 4.40 7.68
C ARG C 23 -0.37 3.29 6.66
N TYR C 24 -0.91 2.09 6.90
CA TYR C 24 -0.70 0.98 5.99
C TYR C 24 -1.22 1.26 4.59
N LEU C 25 -2.50 1.60 4.49
CA LEU C 25 -3.10 1.89 3.19
C LEU C 25 -2.25 2.92 2.47
N CYS C 26 -1.79 3.90 3.22
CA CYS C 26 -0.99 4.97 2.66
C CYS C 26 0.33 4.42 2.11
N MET C 27 1.00 3.56 2.86
CA MET C 27 2.26 3.00 2.38
C MET C 27 2.04 2.14 1.14
N GLN C 28 0.86 1.51 1.08
CA GLN C 28 0.48 0.65 -0.03
C GLN C 28 0.34 1.49 -1.31
N ARG C 29 -0.42 2.58 -1.22
CA ARG C 29 -0.57 3.46 -2.38
C ARG C 29 0.78 3.99 -2.83
N ALA C 30 1.62 4.38 -1.86
CA ALA C 30 2.91 4.92 -2.23
C ALA C 30 3.74 3.88 -2.96
N ALA C 31 3.65 2.64 -2.51
CA ALA C 31 4.44 1.57 -3.11
C ALA C 31 4.01 1.38 -4.57
N ILE C 32 2.72 1.30 -4.79
CA ILE C 32 2.19 1.14 -6.12
C ILE C 32 2.59 2.31 -7.00
N THR C 33 2.58 3.53 -6.45
CA THR C 33 2.98 4.67 -7.25
C THR C 33 4.45 4.55 -7.63
N VAL C 34 5.30 4.19 -6.69
CA VAL C 34 6.71 4.03 -7.03
C VAL C 34 6.88 2.87 -8.03
N GLN C 35 6.13 1.79 -7.82
CA GLN C 35 6.24 0.64 -8.70
C GLN C 35 5.85 0.89 -10.16
N ARG C 36 4.84 1.71 -10.40
CA ARG C 36 4.48 1.96 -11.78
C ARG C 36 5.52 2.83 -12.48
N TYR C 37 6.14 3.75 -11.75
CA TYR C 37 7.16 4.59 -12.36
C TYR C 37 8.41 3.77 -12.60
N VAL C 38 8.72 2.84 -11.70
CA VAL C 38 9.89 2.00 -11.90
C VAL C 38 9.69 1.19 -13.18
N ARG C 39 8.56 0.51 -13.28
CA ARG C 39 8.26 -0.28 -14.45
C ARG C 39 8.21 0.59 -15.69
N GLY C 40 7.73 1.82 -15.50
CA GLY C 40 7.65 2.74 -16.63
C GLY C 40 9.00 3.15 -17.18
N TYR C 41 9.94 3.54 -16.30
CA TYR C 41 11.25 3.98 -16.77
C TYR C 41 12.13 2.82 -17.26
N GLN C 42 12.04 1.64 -16.64
CA GLN C 42 12.88 0.55 -17.12
C GLN C 42 12.41 0.14 -18.53
N ALA C 43 11.09 0.16 -18.75
CA ALA C 43 10.55 -0.15 -20.07
C ALA C 43 11.04 0.85 -21.12
N ARG C 44 11.09 2.13 -20.75
CA ARG C 44 11.54 3.15 -21.69
C ARG C 44 13.00 2.95 -22.03
N CYS C 45 13.78 2.52 -21.04
CA CYS C 45 15.20 2.24 -21.27
C CYS C 45 15.31 1.06 -22.25
N TYR C 46 14.49 0.02 -22.00
CA TYR C 46 14.52 -1.15 -22.87
C TYR C 46 14.15 -0.79 -24.29
N ALA C 47 13.09 0.02 -24.45
CA ALA C 47 12.67 0.41 -25.80
C ALA C 47 13.77 1.19 -26.49
N LYS C 48 14.49 1.99 -25.72
CA LYS C 48 15.57 2.78 -26.29
C LYS C 48 16.60 1.78 -26.81
N PHE C 49 16.85 0.73 -26.01
CA PHE C 49 17.79 -0.29 -26.42
C PHE C 49 17.39 -0.89 -27.76
N LEU C 50 16.11 -1.24 -27.87
CA LEU C 50 15.61 -1.82 -29.10
C LEU C 50 15.77 -0.86 -30.26
N ARG C 51 15.40 0.40 -30.05
CA ARG C 51 15.52 1.40 -31.11
C ARG C 51 16.96 1.46 -31.61
N ARG C 52 17.90 1.42 -30.67
CA ARG C 52 19.32 1.49 -30.98
C ARG C 52 19.80 0.31 -31.82
N THR C 53 19.34 -0.88 -31.52
CA THR C 53 19.79 -2.05 -32.27
C THR C 53 19.00 -2.28 -33.57
N LYS C 54 17.81 -1.70 -33.69
CA LYS C 54 17.04 -1.86 -34.91
C LYS C 54 17.78 -1.16 -36.07
N ALA C 55 18.29 0.03 -35.78
CA ALA C 55 19.03 0.78 -36.79
C ALA C 55 20.19 -0.06 -37.31
N ALA C 56 20.77 -0.87 -36.43
CA ALA C 56 21.90 -1.72 -36.79
C ALA C 56 21.45 -2.99 -37.47
N THR C 57 20.15 -3.25 -37.42
CA THR C 57 19.58 -4.45 -38.05
C THR C 57 19.62 -4.27 -39.58
N THR C 58 20.29 -5.19 -40.26
CA THR C 58 20.40 -5.12 -41.73
C THR C 58 19.50 -6.15 -42.40
#